data_5CFF
#
_entry.id   5CFF
#
_cell.length_a   200.023
_cell.length_b   51.332
_cell.length_c   100.274
_cell.angle_alpha   90.000
_cell.angle_beta   90.560
_cell.angle_gamma   90.000
#
_symmetry.space_group_name_H-M   'C 1 2 1'
#
loop_
_entity.id
_entity.type
_entity.pdbx_description
1 polymer Miranda
2 polymer Staufen
3 water water
#
loop_
_entity_poly.entity_id
_entity_poly.type
_entity_poly.pdbx_seq_one_letter_code
_entity_poly.pdbx_strand_id
1 'polypeptide(L)'
;GPGSEFELRRQASNYQLTLTNTRATVNIL(MSE)ERLKKSDADVEQYRAELESVQLAKGALEQSYLVLQADAEQLRQQLT
ESQDALNALRSSSQTLQSE
;
A,B,C,D
2 'polypeptide(L)' GPGS(MSE)KEQLLYLSKLLDFEVNFSDYPKGNHNEFLTIVTLSTHPPQICHGVGKSSEESQNDAASNALKILSKL E,F,G,H
#
# COMPACT_ATOMS: atom_id res chain seq x y z
N GLY A 3 -19.32 -1.02 59.69
CA GLY A 3 -18.87 -2.27 59.09
C GLY A 3 -19.67 -2.71 57.89
N SER A 4 -20.97 -2.38 57.88
CA SER A 4 -21.77 -2.53 56.68
C SER A 4 -21.19 -1.55 55.66
N GLU A 5 -20.44 -0.57 56.21
CA GLU A 5 -19.78 0.49 55.45
C GLU A 5 -18.55 0.03 54.66
N PHE A 6 -17.84 -1.00 55.14
CA PHE A 6 -16.80 -1.61 54.32
C PHE A 6 -17.46 -2.15 53.07
N GLU A 7 -18.60 -2.80 53.26
CA GLU A 7 -19.33 -3.35 52.13
C GLU A 7 -19.89 -2.24 51.23
N LEU A 8 -20.36 -1.15 51.83
CA LEU A 8 -20.85 -0.01 51.08
C LEU A 8 -19.74 0.53 50.17
N ARG A 9 -18.62 0.87 50.80
CA ARG A 9 -17.50 1.46 50.08
C ARG A 9 -16.90 0.51 49.04
N ARG A 10 -17.02 -0.79 49.26
CA ARG A 10 -16.56 -1.77 48.26
C ARG A 10 -17.49 -1.74 47.07
N GLN A 11 -18.80 -1.85 47.29
CA GLN A 11 -19.76 -1.74 46.20
C GLN A 11 -19.56 -0.46 45.39
N ALA A 12 -19.46 0.66 46.10
CA ALA A 12 -19.18 1.93 45.47
C ALA A 12 -17.93 1.84 44.60
N SER A 13 -16.89 1.19 45.15
CA SER A 13 -15.62 1.03 44.43
C SER A 13 -15.73 0.24 43.13
N ASN A 14 -16.41 -0.90 43.18
CA ASN A 14 -16.57 -1.71 41.99
C ASN A 14 -17.45 -1.03 40.93
N TYR A 15 -18.50 -0.32 41.36
CA TYR A 15 -19.33 0.42 40.41
C TYR A 15 -18.55 1.57 39.79
N GLN A 16 -17.73 2.25 40.59
CA GLN A 16 -16.88 3.30 40.06
C GLN A 16 -15.91 2.75 39.01
N LEU A 17 -15.30 1.59 39.29
CA LEU A 17 -14.40 0.99 38.30
C LEU A 17 -15.15 0.65 37.01
N THR A 18 -16.32 0.04 37.18
CA THR A 18 -17.12 -0.34 36.04
C THR A 18 -17.46 0.90 35.20
N LEU A 19 -17.96 1.96 35.83
CA LEU A 19 -18.32 3.19 35.13
C LEU A 19 -17.15 3.87 34.44
N THR A 20 -16.03 4.02 35.15
CA THR A 20 -14.85 4.64 34.58
C THR A 20 -14.41 3.92 33.31
N ASN A 21 -14.36 2.60 33.40
CA ASN A 21 -13.99 1.75 32.29
C ASN A 21 -14.94 1.92 31.08
N THR A 22 -16.22 1.81 31.40
CA THR A 22 -17.25 1.92 30.40
C THR A 22 -17.24 3.29 29.70
N ARG A 23 -17.05 4.35 30.46
CA ARG A 23 -17.00 5.69 29.91
C ARG A 23 -15.77 5.84 29.00
N ALA A 24 -14.68 5.14 29.33
CA ALA A 24 -13.53 5.14 28.43
C ALA A 24 -13.92 4.54 27.07
N THR A 25 -14.70 3.45 27.13
CA THR A 25 -15.20 2.88 25.89
C THR A 25 -16.09 3.85 25.11
N VAL A 26 -17.04 4.48 25.82
CA VAL A 26 -17.94 5.49 25.23
C VAL A 26 -17.12 6.56 24.53
N ASN A 27 -16.02 6.92 25.17
CA ASN A 27 -15.14 7.96 24.68
C ASN A 27 -14.52 7.61 23.35
N ILE A 28 -13.91 6.42 23.26
CA ILE A 28 -13.32 6.04 21.98
C ILE A 28 -14.44 5.92 20.90
N LEU A 29 -15.61 5.38 21.25
CA LEU A 29 -16.72 5.38 20.28
C LEU A 29 -17.11 6.77 19.80
N GLU A 31 -15.23 9.60 19.75
CA GLU A 31 -14.17 10.23 18.97
C GLU A 31 -14.16 9.64 17.54
N ARG A 32 -14.23 8.32 17.46
CA ARG A 32 -14.22 7.69 16.15
C ARG A 32 -15.47 8.06 15.37
N LEU A 33 -16.61 8.18 16.04
CA LEU A 33 -17.82 8.54 15.32
C LEU A 33 -17.79 10.00 14.80
N LYS A 34 -17.18 10.89 15.58
CA LYS A 34 -17.03 12.27 15.14
C LYS A 34 -16.17 12.33 13.88
N LYS A 35 -15.00 11.66 13.94
CA LYS A 35 -14.07 11.69 12.81
C LYS A 35 -14.68 11.08 11.56
N SER A 36 -15.35 9.94 11.74
CA SER A 36 -16.01 9.27 10.63
C SER A 36 -17.03 10.20 9.98
N ASP A 37 -17.82 10.90 10.79
CA ASP A 37 -18.79 11.85 10.24
C ASP A 37 -18.10 12.98 9.43
N ALA A 38 -17.00 13.51 9.94
CA ALA A 38 -16.25 14.52 9.20
C ALA A 38 -15.79 13.97 7.85
N ASP A 39 -15.26 12.75 7.91
CA ASP A 39 -14.76 12.03 6.76
C ASP A 39 -15.86 11.92 5.70
N VAL A 40 -17.06 11.57 6.14
CA VAL A 40 -18.19 11.45 5.25
C VAL A 40 -18.58 12.77 4.60
N GLU A 41 -18.57 13.85 5.37
CA GLU A 41 -18.85 15.15 4.73
C GLU A 41 -17.80 15.50 3.66
N GLN A 42 -16.52 15.27 3.97
CA GLN A 42 -15.45 15.53 2.99
C GLN A 42 -15.67 14.75 1.68
N TYR A 43 -15.90 13.44 1.80
CA TYR A 43 -16.13 12.62 0.61
C TYR A 43 -17.39 13.08 -0.15
N ARG A 44 -18.42 13.49 0.57
CA ARG A 44 -19.65 14.00 -0.05
C ARG A 44 -19.35 15.20 -0.95
N ALA A 45 -18.56 16.12 -0.42
CA ALA A 45 -18.22 17.32 -1.16
C ALA A 45 -17.34 17.01 -2.39
N GLU A 46 -16.37 16.11 -2.20
CA GLU A 46 -15.48 15.71 -3.29
C GLU A 46 -16.26 15.01 -4.42
N LEU A 47 -17.21 14.16 -4.03
CA LEU A 47 -18.09 13.48 -4.97
C LEU A 47 -18.86 14.53 -5.78
N GLU A 48 -19.37 15.55 -5.09
CA GLU A 48 -20.11 16.62 -5.76
C GLU A 48 -19.27 17.35 -6.81
N SER A 49 -18.03 17.70 -6.45
CA SER A 49 -17.16 18.40 -7.39
C SER A 49 -16.87 17.56 -8.64
N VAL A 50 -16.57 16.28 -8.44
CA VAL A 50 -16.23 15.42 -9.56
C VAL A 50 -17.44 15.10 -10.44
N GLN A 51 -18.62 14.94 -9.84
CA GLN A 51 -19.83 14.75 -10.64
C GLN A 51 -20.18 16.01 -11.45
N LEU A 52 -19.89 17.19 -10.88
CA LEU A 52 -20.02 18.41 -11.66
C LEU A 52 -19.10 18.43 -12.86
N ALA A 53 -17.84 18.06 -12.61
CA ALA A 53 -16.85 18.07 -13.66
C ALA A 53 -17.22 17.08 -14.79
N LYS A 54 -17.71 15.90 -14.40
CA LYS A 54 -18.16 14.89 -15.36
C LYS A 54 -19.35 15.39 -16.16
N GLY A 55 -20.30 16.06 -15.51
CA GLY A 55 -21.43 16.60 -16.26
C GLY A 55 -21.00 17.60 -17.33
N ALA A 56 -20.05 18.46 -16.93
CA ALA A 56 -19.47 19.44 -17.84
C ALA A 56 -18.81 18.77 -19.05
N LEU A 57 -18.02 17.75 -18.79
CA LEU A 57 -17.36 17.02 -19.85
C LEU A 57 -18.35 16.31 -20.77
N GLU A 58 -19.44 15.82 -20.21
CA GLU A 58 -20.44 15.16 -21.04
C GLU A 58 -21.03 16.17 -22.02
N GLN A 59 -21.25 17.39 -21.53
CA GLN A 59 -21.75 18.43 -22.43
C GLN A 59 -20.73 18.74 -23.53
N SER A 60 -19.46 18.91 -23.15
CA SER A 60 -18.39 19.10 -24.13
C SER A 60 -18.34 18.01 -25.20
N TYR A 61 -18.49 16.76 -24.78
CA TYR A 61 -18.51 15.64 -25.73
C TYR A 61 -19.63 15.84 -26.72
N LEU A 62 -20.80 16.28 -26.24
CA LEU A 62 -21.92 16.51 -27.17
C LEU A 62 -21.67 17.65 -28.19
N VAL A 63 -21.00 18.72 -27.74
CA VAL A 63 -20.57 19.80 -28.63
C VAL A 63 -19.56 19.32 -29.68
N LEU A 64 -18.56 18.55 -29.25
CA LEU A 64 -17.54 18.02 -30.15
C LEU A 64 -18.11 17.03 -31.17
N GLN A 65 -19.08 16.25 -30.72
CA GLN A 65 -19.76 15.28 -31.56
C GLN A 65 -20.57 16.02 -32.64
N ALA A 66 -21.24 17.10 -32.24
CA ALA A 66 -21.98 17.91 -33.20
C ALA A 66 -21.05 18.60 -34.19
N ASP A 67 -19.92 19.12 -33.70
CA ASP A 67 -18.91 19.76 -34.54
C ASP A 67 -18.37 18.77 -35.59
N ALA A 68 -18.20 17.51 -35.18
CA ALA A 68 -17.74 16.46 -36.10
C ALA A 68 -18.77 16.10 -37.18
N GLU A 69 -20.05 15.95 -36.81
CA GLU A 69 -21.03 15.64 -37.87
C GLU A 69 -21.12 16.81 -38.85
N GLN A 70 -21.06 18.03 -38.32
CA GLN A 70 -21.04 19.24 -39.15
C GLN A 70 -19.86 19.16 -40.15
N LEU A 71 -18.68 18.78 -39.66
CA LEU A 71 -17.55 18.57 -40.56
C LEU A 71 -17.83 17.50 -41.64
N ARG A 72 -18.45 16.37 -41.27
CA ARG A 72 -18.70 15.33 -42.28
C ARG A 72 -19.63 15.82 -43.39
N GLN A 73 -20.73 16.49 -43.00
CA GLN A 73 -21.66 17.00 -43.99
C GLN A 73 -20.98 18.06 -44.88
N GLN A 74 -20.19 18.95 -44.27
CA GLN A 74 -19.45 19.96 -45.04
C GLN A 74 -18.48 19.32 -46.05
N LEU A 75 -17.73 18.29 -45.64
CA LEU A 75 -16.85 17.58 -46.57
C LEU A 75 -17.63 16.91 -47.71
N THR A 76 -18.76 16.26 -47.39
CA THR A 76 -19.54 15.61 -48.44
C THR A 76 -20.03 16.61 -49.49
N GLU A 77 -20.59 17.71 -49.01
CA GLU A 77 -21.07 18.77 -49.89
C GLU A 77 -19.94 19.42 -50.70
N SER A 78 -18.81 19.70 -50.05
CA SER A 78 -17.64 20.29 -50.71
C SER A 78 -17.12 19.40 -51.82
N GLN A 79 -17.02 18.11 -51.54
CA GLN A 79 -16.61 17.14 -52.53
C GLN A 79 -17.54 17.11 -53.73
N ASP A 80 -18.84 17.05 -53.45
CA ASP A 80 -19.87 17.09 -54.50
C ASP A 80 -19.74 18.33 -55.39
N ALA A 81 -19.44 19.47 -54.76
CA ALA A 81 -19.19 20.72 -55.46
C ALA A 81 -17.95 20.63 -56.37
N LEU A 82 -16.83 20.20 -55.78
CA LEU A 82 -15.56 20.12 -56.51
C LEU A 82 -15.71 19.20 -57.73
N ASN A 83 -16.41 18.09 -57.55
CA ASN A 83 -16.65 17.14 -58.65
C ASN A 83 -17.67 17.65 -59.69
N ALA A 84 -18.63 18.46 -59.24
CA ALA A 84 -19.56 19.06 -60.19
C ALA A 84 -18.84 20.11 -61.06
N LEU A 85 -17.96 20.91 -60.45
CA LEU A 85 -17.17 21.90 -61.21
C LEU A 85 -16.13 21.21 -62.09
N ARG A 86 -15.61 20.07 -61.67
CA ARG A 86 -14.70 19.28 -62.51
C ARG A 86 -15.44 18.75 -63.74
N SER A 87 -16.67 18.28 -63.51
CA SER A 87 -17.49 17.77 -64.61
C SER A 87 -18.00 18.89 -65.54
N SER A 88 -18.14 20.10 -65.01
CA SER A 88 -18.58 21.25 -65.79
C SER A 88 -17.47 21.74 -66.71
N SER A 89 -16.27 21.86 -66.16
CA SER A 89 -15.11 22.25 -66.95
C SER A 89 -14.70 21.12 -67.89
N GLY B 1 71.06 -12.43 -6.70
CA GLY B 1 71.49 -12.78 -8.05
C GLY B 1 70.51 -12.16 -9.04
N PRO B 2 70.94 -12.05 -10.31
CA PRO B 2 69.97 -11.46 -11.24
C PRO B 2 68.81 -12.40 -11.61
N GLY B 3 68.97 -13.71 -11.39
CA GLY B 3 67.90 -14.64 -11.71
C GLY B 3 66.81 -14.74 -10.65
N SER B 4 67.19 -14.56 -9.38
CA SER B 4 66.18 -14.49 -8.35
C SER B 4 65.33 -13.22 -8.57
N GLU B 5 65.95 -12.16 -9.10
CA GLU B 5 65.24 -10.90 -9.36
C GLU B 5 64.36 -10.99 -10.61
N PHE B 6 64.85 -11.76 -11.60
CA PHE B 6 64.06 -12.08 -12.79
C PHE B 6 62.80 -12.80 -12.34
N GLU B 7 62.96 -13.74 -11.41
CA GLU B 7 61.78 -14.48 -10.94
C GLU B 7 60.84 -13.61 -10.10
N LEU B 8 61.41 -12.70 -9.30
CA LEU B 8 60.58 -11.78 -8.53
C LEU B 8 59.67 -11.05 -9.50
N ARG B 9 60.27 -10.38 -10.48
CA ARG B 9 59.46 -9.61 -11.39
C ARG B 9 58.52 -10.46 -12.30
N ARG B 10 58.87 -11.72 -12.59
CA ARG B 10 58.00 -12.60 -13.41
C ARG B 10 56.74 -12.99 -12.64
N GLN B 11 56.93 -13.54 -11.45
CA GLN B 11 55.82 -13.87 -10.58
C GLN B 11 54.93 -12.63 -10.37
N ALA B 12 55.56 -11.50 -10.09
CA ALA B 12 54.85 -10.23 -9.99
C ALA B 12 54.02 -9.92 -11.23
N SER B 13 54.58 -10.17 -12.42
CA SER B 13 53.87 -9.93 -13.67
C SER B 13 52.61 -10.79 -13.74
N ASN B 14 52.75 -12.05 -13.35
CA ASN B 14 51.62 -12.98 -13.36
C ASN B 14 50.52 -12.64 -12.33
N TYR B 15 50.93 -12.16 -11.16
CA TYR B 15 49.94 -11.72 -10.18
C TYR B 15 49.23 -10.49 -10.69
N GLN B 16 49.95 -9.59 -11.33
CA GLN B 16 49.34 -8.41 -11.88
C GLN B 16 48.28 -8.75 -12.95
N LEU B 17 48.62 -9.66 -13.86
CA LEU B 17 47.68 -10.09 -14.88
C LEU B 17 46.44 -10.74 -14.24
N THR B 18 46.66 -11.63 -13.28
CA THR B 18 45.54 -12.28 -12.62
C THR B 18 44.60 -11.27 -11.95
N LEU B 19 45.19 -10.32 -11.24
CA LEU B 19 44.40 -9.31 -10.55
C LEU B 19 43.61 -8.45 -11.54
N THR B 20 44.25 -8.00 -12.62
CA THR B 20 43.58 -7.22 -13.64
C THR B 20 42.37 -7.99 -14.22
N ASN B 21 42.59 -9.25 -14.60
CA ASN B 21 41.51 -10.07 -15.16
C ASN B 21 40.33 -10.23 -14.18
N THR B 22 40.68 -10.57 -12.95
CA THR B 22 39.70 -10.75 -11.91
C THR B 22 38.89 -9.46 -11.68
N ARG B 23 39.58 -8.33 -11.71
CA ARG B 23 38.93 -7.06 -11.51
C ARG B 23 37.98 -6.72 -12.64
N ALA B 24 38.30 -7.17 -13.85
CA ALA B 24 37.36 -7.00 -14.96
C ALA B 24 36.08 -7.76 -14.66
N THR B 25 36.23 -8.97 -14.11
CA THR B 25 35.03 -9.70 -13.70
C THR B 25 34.23 -8.93 -12.66
N VAL B 26 34.92 -8.46 -11.62
CA VAL B 26 34.31 -7.63 -10.58
C VAL B 26 33.51 -6.49 -11.18
N ASN B 27 34.09 -5.84 -12.18
CA ASN B 27 33.46 -4.72 -12.84
C ASN B 27 32.19 -5.03 -13.65
N ILE B 28 32.24 -6.09 -14.46
CA ILE B 28 31.06 -6.45 -15.22
C ILE B 28 29.94 -6.86 -14.23
N LEU B 29 30.31 -7.57 -13.18
CA LEU B 29 29.34 -7.93 -12.15
C LEU B 29 28.72 -6.71 -11.49
N GLU B 31 28.40 -3.56 -12.66
CA GLU B 31 27.49 -2.89 -13.59
C GLU B 31 26.15 -3.65 -13.75
N ARG B 32 26.25 -4.96 -13.96
CA ARG B 32 25.03 -5.72 -14.13
C ARG B 32 24.16 -5.70 -12.86
N LEU B 33 24.77 -5.76 -11.69
CA LEU B 33 24.03 -5.75 -10.43
C LEU B 33 23.36 -4.41 -10.18
N LYS B 34 24.04 -3.33 -10.55
CA LYS B 34 23.45 -2.01 -10.41
C LYS B 34 22.19 -1.90 -11.29
N LYS B 35 22.35 -2.29 -12.54
CA LYS B 35 21.24 -2.19 -13.48
C LYS B 35 20.09 -3.08 -13.01
N SER B 36 20.40 -4.29 -12.60
CA SER B 36 19.40 -5.24 -12.15
C SER B 36 18.62 -4.68 -10.95
N ASP B 37 19.31 -4.10 -9.95
CA ASP B 37 18.61 -3.51 -8.80
C ASP B 37 17.64 -2.44 -9.28
N ALA B 38 18.09 -1.64 -10.25
CA ALA B 38 17.26 -0.58 -10.84
C ALA B 38 15.99 -1.15 -11.51
N ASP B 39 16.19 -2.25 -12.23
CA ASP B 39 15.12 -2.96 -12.93
C ASP B 39 14.06 -3.43 -11.92
N VAL B 40 14.51 -4.06 -10.83
CA VAL B 40 13.54 -4.52 -9.84
C VAL B 40 12.81 -3.33 -9.26
N GLU B 41 13.49 -2.21 -9.06
CA GLU B 41 12.73 -1.05 -8.57
C GLU B 41 11.62 -0.64 -9.55
N GLN B 42 11.95 -0.60 -10.84
CA GLN B 42 10.95 -0.22 -11.84
C GLN B 42 9.71 -1.15 -11.79
N TYR B 43 9.95 -2.45 -11.89
CA TYR B 43 8.91 -3.45 -11.84
C TYR B 43 8.13 -3.43 -10.52
N ARG B 44 8.80 -3.13 -9.42
CA ARG B 44 8.13 -3.01 -8.13
C ARG B 44 7.10 -1.91 -8.19
N ALA B 45 7.48 -0.74 -8.71
CA ALA B 45 6.53 0.37 -8.75
C ALA B 45 5.37 0.02 -9.67
N GLU B 46 5.66 -0.67 -10.78
CA GLU B 46 4.59 -1.07 -11.71
C GLU B 46 3.61 -2.06 -11.07
N LEU B 47 4.13 -3.03 -10.33
CA LEU B 47 3.25 -3.94 -9.60
C LEU B 47 2.36 -3.19 -8.63
N GLU B 48 2.96 -2.28 -7.86
CA GLU B 48 2.18 -1.54 -6.88
C GLU B 48 1.02 -0.81 -7.57
N SER B 49 1.34 -0.22 -8.72
CA SER B 49 0.37 0.54 -9.50
C SER B 49 -0.79 -0.32 -10.06
N VAL B 50 -0.43 -1.46 -10.64
CA VAL B 50 -1.42 -2.33 -11.25
C VAL B 50 -2.31 -2.97 -10.18
N GLN B 51 -1.72 -3.30 -9.05
CA GLN B 51 -2.50 -3.86 -7.95
C GLN B 51 -3.47 -2.81 -7.43
N LEU B 52 -3.03 -1.55 -7.37
CA LEU B 52 -3.93 -0.49 -6.95
C LEU B 52 -5.10 -0.36 -7.95
N ALA B 53 -4.79 -0.41 -9.25
CA ALA B 53 -5.83 -0.26 -10.27
C ALA B 53 -6.85 -1.39 -10.16
N LYS B 54 -6.37 -2.60 -9.90
CA LYS B 54 -7.28 -3.72 -9.68
C LYS B 54 -8.16 -3.47 -8.45
N GLY B 55 -7.59 -2.95 -7.35
CA GLY B 55 -8.38 -2.65 -6.17
C GLY B 55 -9.48 -1.61 -6.42
N ALA B 56 -9.13 -0.57 -7.16
CA ALA B 56 -10.06 0.46 -7.57
C ALA B 56 -11.19 -0.11 -8.45
N LEU B 57 -10.83 -1.02 -9.35
CA LEU B 57 -11.81 -1.63 -10.23
C LEU B 57 -12.75 -2.50 -9.39
N GLU B 58 -12.21 -3.14 -8.37
CA GLU B 58 -13.01 -3.96 -7.46
C GLU B 58 -14.03 -3.11 -6.68
N GLN B 59 -13.56 -1.95 -6.21
CA GLN B 59 -14.47 -1.03 -5.55
C GLN B 59 -15.58 -0.62 -6.48
N SER B 60 -15.18 -0.23 -7.69
CA SER B 60 -16.12 0.13 -8.74
C SER B 60 -17.16 -0.97 -9.05
N TYR B 61 -16.70 -2.21 -9.11
CA TYR B 61 -17.62 -3.31 -9.32
C TYR B 61 -18.66 -3.34 -8.18
N LEU B 62 -18.24 -3.23 -6.91
CA LEU B 62 -19.25 -3.21 -5.83
C LEU B 62 -20.19 -2.00 -5.86
N VAL B 63 -19.70 -0.84 -6.27
CA VAL B 63 -20.59 0.32 -6.46
C VAL B 63 -21.67 0.05 -7.54
N LEU B 64 -21.26 -0.50 -8.67
CA LEU B 64 -22.22 -0.78 -9.72
C LEU B 64 -23.17 -1.90 -9.29
N GLN B 65 -22.67 -2.85 -8.52
CA GLN B 65 -23.50 -3.94 -8.09
C GLN B 65 -24.61 -3.44 -7.15
N ALA B 66 -24.24 -2.59 -6.20
CA ALA B 66 -25.23 -2.03 -5.29
C ALA B 66 -26.20 -1.12 -6.04
N ASP B 67 -25.68 -0.37 -6.99
CA ASP B 67 -26.51 0.48 -7.82
C ASP B 67 -27.55 -0.32 -8.61
N ALA B 68 -27.13 -1.47 -9.16
CA ALA B 68 -28.01 -2.34 -9.90
C ALA B 68 -29.11 -2.89 -9.01
N GLU B 69 -28.74 -3.26 -7.77
CA GLU B 69 -29.73 -3.76 -6.85
C GLU B 69 -30.76 -2.69 -6.50
N GLN B 70 -30.29 -1.46 -6.28
CA GLN B 70 -31.19 -0.34 -6.04
C GLN B 70 -32.15 -0.16 -7.21
N LEU B 71 -31.62 -0.17 -8.43
CA LEU B 71 -32.46 -0.04 -9.61
C LEU B 71 -33.53 -1.15 -9.66
N ARG B 72 -33.17 -2.39 -9.30
CA ARG B 72 -34.18 -3.46 -9.32
C ARG B 72 -35.31 -3.19 -8.32
N GLN B 73 -34.94 -2.80 -7.09
CA GLN B 73 -35.93 -2.51 -6.07
C GLN B 73 -36.83 -1.33 -6.46
N GLN B 74 -36.21 -0.29 -7.00
CA GLN B 74 -36.95 0.88 -7.45
C GLN B 74 -37.90 0.57 -8.59
N LEU B 75 -37.45 -0.24 -9.55
CA LEU B 75 -38.32 -0.64 -10.67
C LEU B 75 -39.55 -1.39 -10.15
N THR B 76 -39.32 -2.33 -9.24
CA THR B 76 -40.41 -3.10 -8.68
C THR B 76 -41.44 -2.22 -7.94
N GLU B 77 -40.93 -1.30 -7.10
CA GLU B 77 -41.85 -0.38 -6.40
C GLU B 77 -42.60 0.52 -7.39
N SER B 78 -41.90 1.03 -8.40
CA SER B 78 -42.52 1.90 -9.40
C SER B 78 -43.64 1.19 -10.15
N GLN B 79 -43.36 -0.05 -10.57
CA GLN B 79 -44.39 -0.85 -11.22
C GLN B 79 -45.59 -1.07 -10.29
N ASP B 80 -45.34 -1.44 -9.03
CA ASP B 80 -46.43 -1.63 -8.09
C ASP B 80 -47.32 -0.38 -7.93
N ALA B 81 -46.71 0.79 -7.82
CA ALA B 81 -47.48 2.04 -7.72
C ALA B 81 -48.29 2.28 -8.99
N LEU B 82 -47.61 2.19 -10.13
CA LEU B 82 -48.23 2.44 -11.42
C LEU B 82 -49.42 1.51 -11.69
N ASN B 83 -49.28 0.23 -11.33
CA ASN B 83 -50.35 -0.74 -11.52
C ASN B 83 -51.51 -0.60 -10.52
N ALA B 84 -51.18 -0.19 -9.29
CA ALA B 84 -52.23 0.02 -8.30
C ALA B 84 -53.05 1.23 -8.74
N LEU B 85 -52.37 2.25 -9.27
CA LEU B 85 -53.06 3.41 -9.83
C LEU B 85 -53.83 3.06 -11.10
N ARG B 86 -53.33 2.11 -11.88
CA ARG B 86 -54.05 1.67 -13.07
C ARG B 86 -55.38 1.04 -12.67
N SER B 87 -55.38 0.29 -11.57
CA SER B 87 -56.64 -0.31 -11.10
C SER B 87 -57.62 0.72 -10.53
N SER B 88 -57.13 1.90 -10.18
CA SER B 88 -57.95 2.98 -9.68
C SER B 88 -58.44 3.88 -10.82
N PRO C 2 -27.95 -1.52 60.11
CA PRO C 2 -29.29 -1.87 59.66
C PRO C 2 -29.96 -0.73 58.90
N GLY C 3 -29.48 0.49 59.13
CA GLY C 3 -29.86 1.66 58.35
C GLY C 3 -28.87 1.80 57.21
N SER C 4 -27.66 1.31 57.47
CA SER C 4 -26.62 1.26 56.45
C SER C 4 -27.04 0.39 55.28
N GLU C 5 -27.99 -0.53 55.49
CA GLU C 5 -28.45 -1.40 54.41
C GLU C 5 -29.37 -0.68 53.44
N PHE C 6 -30.18 0.24 53.96
CA PHE C 6 -31.03 1.09 53.13
C PHE C 6 -30.18 1.95 52.21
N GLU C 7 -29.14 2.59 52.76
CA GLU C 7 -28.28 3.46 51.97
C GLU C 7 -27.41 2.62 51.01
N LEU C 8 -27.00 1.44 51.45
CA LEU C 8 -26.28 0.52 50.57
C LEU C 8 -27.13 0.22 49.34
N ARG C 9 -28.33 -0.30 49.59
CA ARG C 9 -29.23 -0.70 48.50
C ARG C 9 -29.64 0.50 47.64
N ARG C 10 -29.65 1.70 48.22
CA ARG C 10 -29.94 2.93 47.47
C ARG C 10 -28.82 3.34 46.49
N GLN C 11 -27.60 3.42 47.01
CA GLN C 11 -26.41 3.68 46.20
C GLN C 11 -26.34 2.68 45.05
N ALA C 12 -26.48 1.40 45.39
CA ALA C 12 -26.51 0.34 44.39
C ALA C 12 -27.58 0.65 43.33
N SER C 13 -28.75 1.10 43.79
CA SER C 13 -29.81 1.41 42.87
C SER C 13 -29.44 2.54 41.90
N ASN C 14 -28.79 3.59 42.41
CA ASN C 14 -28.39 4.70 41.55
C ASN C 14 -27.28 4.37 40.56
N TYR C 15 -26.33 3.54 40.98
CA TYR C 15 -25.28 3.08 40.09
C TYR C 15 -25.84 2.17 39.02
N GLN C 16 -26.76 1.31 39.41
CA GLN C 16 -27.43 0.43 38.45
C GLN C 16 -28.16 1.26 37.40
N LEU C 17 -28.86 2.30 37.86
CA LEU C 17 -29.55 3.20 36.94
C LEU C 17 -28.57 3.90 35.97
N THR C 18 -27.49 4.46 36.53
CA THR C 18 -26.49 5.13 35.73
C THR C 18 -25.90 4.19 34.67
N LEU C 19 -25.56 2.98 35.09
CA LEU C 19 -25.00 1.96 34.21
C LEU C 19 -25.96 1.53 33.09
N THR C 20 -27.21 1.27 33.43
CA THR C 20 -28.21 0.91 32.43
C THR C 20 -28.33 1.98 31.36
N ASN C 21 -28.45 3.22 31.83
CA ASN C 21 -28.56 4.35 30.94
C ASN C 21 -27.36 4.46 30.02
N THR C 22 -26.18 4.42 30.64
CA THR C 22 -24.93 4.50 29.91
C THR C 22 -24.76 3.37 28.87
N ARG C 23 -25.13 2.12 29.21
CA ARG C 23 -25.02 1.00 28.29
C ARG C 23 -25.97 1.19 27.12
N ALA C 24 -27.16 1.73 27.37
CA ALA C 24 -28.05 2.02 26.25
C ALA C 24 -27.41 3.05 25.31
N THR C 25 -26.77 4.07 25.89
CA THR C 25 -26.02 5.00 25.04
C THR C 25 -24.88 4.34 24.24
N VAL C 26 -24.07 3.50 24.89
CA VAL C 26 -23.02 2.74 24.21
C VAL C 26 -23.60 1.97 23.02
N ASN C 27 -24.73 1.33 23.20
CA ASN C 27 -25.31 0.58 22.09
C ASN C 27 -25.65 1.48 20.93
N ILE C 28 -26.23 2.63 21.24
CA ILE C 28 -26.56 3.58 20.19
C ILE C 28 -25.30 4.02 19.44
N LEU C 29 -24.25 4.30 20.21
CA LEU C 29 -22.97 4.68 19.63
C LEU C 29 -22.36 3.60 18.76
N GLU C 31 -23.90 1.13 17.02
CA GLU C 31 -24.63 1.08 15.75
C GLU C 31 -24.29 2.29 14.84
N ARG C 32 -24.29 3.47 15.42
CA ARG C 32 -24.01 4.66 14.63
C ARG C 32 -22.60 4.65 14.06
N LEU C 33 -21.64 4.14 14.83
CA LEU C 33 -20.27 4.08 14.33
C LEU C 33 -20.15 3.03 13.21
N LYS C 34 -20.86 1.93 13.34
CA LYS C 34 -20.80 0.93 12.29
C LYS C 34 -21.31 1.54 10.99
N LYS C 35 -22.47 2.18 11.07
CA LYS C 35 -23.10 2.75 9.90
C LYS C 35 -22.25 3.85 9.26
N SER C 36 -21.71 4.74 10.09
CA SER C 36 -20.84 5.79 9.56
C SER C 36 -19.59 5.24 8.86
N ASP C 37 -18.96 4.24 9.49
CA ASP C 37 -17.79 3.63 8.88
C ASP C 37 -18.14 3.04 7.51
N ALA C 38 -19.30 2.40 7.44
CA ALA C 38 -19.77 1.85 6.19
C ALA C 38 -19.94 2.97 5.14
N ASP C 39 -20.54 4.08 5.53
CA ASP C 39 -20.76 5.22 4.64
C ASP C 39 -19.46 5.74 4.10
N VAL C 40 -18.44 5.80 4.94
CA VAL C 40 -17.12 6.24 4.51
C VAL C 40 -16.61 5.30 3.43
N GLU C 41 -16.80 3.99 3.64
CA GLU C 41 -16.40 3.06 2.59
C GLU C 41 -17.16 3.31 1.28
N GLN C 42 -18.46 3.47 1.41
CA GLN C 42 -19.33 3.71 0.28
C GLN C 42 -18.97 4.96 -0.51
N TYR C 43 -18.88 6.12 0.15
CA TYR C 43 -18.53 7.34 -0.55
C TYR C 43 -17.13 7.26 -1.13
N ARG C 44 -16.20 6.61 -0.44
CA ARG C 44 -14.86 6.44 -1.01
C ARG C 44 -14.92 5.64 -2.35
N ALA C 45 -15.69 4.55 -2.34
CA ALA C 45 -15.83 3.72 -3.51
C ALA C 45 -16.56 4.45 -4.66
N GLU C 46 -17.59 5.23 -4.32
CA GLU C 46 -18.37 6.02 -5.27
C GLU C 46 -17.47 7.05 -5.92
N LEU C 47 -16.62 7.63 -5.09
CA LEU C 47 -15.66 8.60 -5.59
C LEU C 47 -14.73 7.96 -6.62
N GLU C 48 -14.15 6.81 -6.31
CA GLU C 48 -13.29 6.18 -7.34
C GLU C 48 -14.12 5.82 -8.59
N SER C 49 -15.33 5.32 -8.41
CA SER C 49 -16.14 4.91 -9.55
C SER C 49 -16.36 6.09 -10.51
N VAL C 50 -16.71 7.23 -9.96
CA VAL C 50 -16.96 8.39 -10.80
C VAL C 50 -15.67 8.95 -11.40
N GLN C 51 -14.55 8.91 -10.68
CA GLN C 51 -13.30 9.36 -11.30
C GLN C 51 -12.90 8.46 -12.48
N LEU C 52 -13.05 7.15 -12.31
CA LEU C 52 -12.77 6.22 -13.40
C LEU C 52 -13.70 6.44 -14.59
N ALA C 53 -14.99 6.65 -14.33
CA ALA C 53 -15.94 6.87 -15.41
C ALA C 53 -15.61 8.14 -16.17
N LYS C 54 -15.26 9.18 -15.39
CA LYS C 54 -14.83 10.43 -15.97
C LYS C 54 -13.59 10.23 -16.84
N GLY C 55 -12.64 9.40 -16.39
CA GLY C 55 -11.46 9.07 -17.18
C GLY C 55 -11.74 8.35 -18.48
N ALA C 56 -12.63 7.36 -18.45
CA ALA C 56 -13.01 6.71 -19.71
C ALA C 56 -13.64 7.75 -20.67
N LEU C 57 -14.45 8.64 -20.10
CA LEU C 57 -15.09 9.68 -20.88
C LEU C 57 -14.07 10.64 -21.50
N GLU C 58 -13.02 10.98 -20.77
CA GLU C 58 -11.99 11.85 -21.35
C GLU C 58 -11.29 11.18 -22.50
N GLN C 59 -11.00 9.88 -22.36
CA GLN C 59 -10.38 9.16 -23.48
C GLN C 59 -11.32 9.14 -24.71
N SER C 60 -12.61 8.87 -24.52
CA SER C 60 -13.55 8.97 -25.64
C SER C 60 -13.51 10.35 -26.29
N TYR C 61 -13.46 11.38 -25.46
CA TYR C 61 -13.41 12.73 -25.99
C TYR C 61 -12.18 12.94 -26.88
N LEU C 62 -11.03 12.46 -26.44
CA LEU C 62 -9.80 12.65 -27.18
C LEU C 62 -9.79 11.84 -28.49
N VAL C 63 -10.34 10.64 -28.44
CA VAL C 63 -10.45 9.85 -29.65
C VAL C 63 -11.33 10.58 -30.67
N LEU C 64 -12.47 11.10 -30.22
CA LEU C 64 -13.36 11.81 -31.12
C LEU C 64 -12.70 13.09 -31.60
N GLN C 65 -11.89 13.69 -30.74
CA GLN C 65 -11.18 14.89 -31.13
C GLN C 65 -10.18 14.60 -32.28
N ALA C 66 -9.53 13.44 -32.22
CA ALA C 66 -8.62 13.01 -33.28
C ALA C 66 -9.38 12.77 -34.59
N ASP C 67 -10.58 12.21 -34.44
CA ASP C 67 -11.50 11.98 -35.55
C ASP C 67 -11.79 13.30 -36.25
N ALA C 68 -12.23 14.26 -35.44
CA ALA C 68 -12.58 15.58 -35.92
C ALA C 68 -11.37 16.28 -36.54
N GLU C 69 -10.18 16.07 -35.98
CA GLU C 69 -8.97 16.68 -36.52
C GLU C 69 -8.69 16.18 -37.96
N GLN C 70 -8.82 14.87 -38.15
CA GLN C 70 -8.68 14.28 -39.48
C GLN C 70 -9.69 14.87 -40.44
N LEU C 71 -10.94 14.93 -39.99
CA LEU C 71 -12.02 15.52 -40.77
C LEU C 71 -11.72 16.96 -41.16
N ARG C 72 -11.22 17.75 -40.24
CA ARG C 72 -10.94 19.14 -40.56
C ARG C 72 -9.88 19.22 -41.66
N GLN C 73 -8.80 18.43 -41.55
CA GLN C 73 -7.77 18.46 -42.60
C GLN C 73 -8.34 18.06 -43.97
N GLN C 74 -9.19 17.02 -43.97
CA GLN C 74 -9.85 16.56 -45.18
C GLN C 74 -10.72 17.64 -45.82
N LEU C 75 -11.53 18.27 -44.99
CA LEU C 75 -12.41 19.36 -45.43
C LEU C 75 -11.62 20.53 -46.00
N THR C 76 -10.55 20.91 -45.31
CA THR C 76 -9.70 22.01 -45.74
C THR C 76 -9.10 21.71 -47.12
N GLU C 77 -8.56 20.50 -47.30
CA GLU C 77 -8.01 20.12 -48.61
C GLU C 77 -9.10 20.15 -49.71
N SER C 78 -10.32 19.70 -49.38
CA SER C 78 -11.44 19.80 -50.33
C SER C 78 -11.72 21.26 -50.69
N GLN C 79 -11.73 22.12 -49.69
CA GLN C 79 -11.96 23.55 -49.90
C GLN C 79 -10.89 24.16 -50.81
N ASP C 80 -9.63 23.89 -50.52
CA ASP C 80 -8.52 24.34 -51.34
C ASP C 80 -8.67 23.86 -52.79
N ALA C 81 -9.12 22.63 -52.96
CA ALA C 81 -9.35 22.09 -54.30
C ALA C 81 -10.45 22.88 -55.02
N LEU C 82 -11.62 22.99 -54.40
CA LEU C 82 -12.76 23.68 -55.03
C LEU C 82 -12.46 25.14 -55.34
N ASN C 83 -11.84 25.83 -54.39
CA ASN C 83 -11.53 27.25 -54.57
C ASN C 83 -10.38 27.48 -55.57
N ALA C 84 -9.44 26.54 -55.66
CA ALA C 84 -8.37 26.65 -56.66
C ALA C 84 -8.94 26.44 -58.05
N LEU C 85 -9.89 25.51 -58.15
CA LEU C 85 -10.57 25.23 -59.41
C LEU C 85 -11.49 26.40 -59.84
N ARG C 86 -12.07 27.09 -58.87
CA ARG C 86 -12.88 28.27 -59.17
C ARG C 86 -12.04 29.39 -59.76
N SER C 87 -10.83 29.55 -59.19
CA SER C 87 -9.83 30.51 -59.63
C SER C 87 -9.21 30.10 -60.98
N SER C 88 -9.68 29.01 -61.55
CA SER C 88 -9.24 28.55 -62.86
C SER C 88 -10.36 27.83 -63.62
N PRO D 2 69.82 -13.92 -1.90
CA PRO D 2 69.15 -14.75 -0.88
C PRO D 2 68.06 -14.00 -0.10
N GLY D 3 68.13 -12.66 -0.09
CA GLY D 3 67.13 -11.80 0.53
C GLY D 3 65.99 -11.49 -0.42
N SER D 4 66.33 -11.52 -1.71
CA SER D 4 65.35 -11.38 -2.77
C SER D 4 64.31 -12.50 -2.72
N GLU D 5 64.62 -13.63 -2.07
CA GLU D 5 63.66 -14.72 -1.90
C GLU D 5 62.66 -14.45 -0.76
N PHE D 6 63.17 -13.82 0.30
CA PHE D 6 62.33 -13.33 1.37
C PHE D 6 61.38 -12.28 0.80
N GLU D 7 61.94 -11.37 -0.01
CA GLU D 7 61.12 -10.30 -0.62
C GLU D 7 60.15 -10.84 -1.67
N LEU D 8 60.61 -11.87 -2.38
CA LEU D 8 59.80 -12.57 -3.35
C LEU D 8 58.56 -13.09 -2.66
N ARG D 9 58.78 -13.93 -1.67
CA ARG D 9 57.66 -14.54 -0.97
C ARG D 9 56.81 -13.47 -0.25
N ARG D 10 57.41 -12.31 0.07
CA ARG D 10 56.64 -11.25 0.72
C ARG D 10 55.63 -10.62 -0.22
N GLN D 11 56.14 -10.16 -1.36
CA GLN D 11 55.32 -9.59 -2.39
C GLN D 11 54.22 -10.56 -2.79
N ALA D 12 54.61 -11.80 -3.02
CA ALA D 12 53.66 -12.85 -3.34
C ALA D 12 52.58 -12.93 -2.26
N SER D 13 52.99 -12.84 -0.99
CA SER D 13 52.07 -12.90 0.12
C SER D 13 51.04 -11.74 0.05
N ASN D 14 51.53 -10.54 -0.27
CA ASN D 14 50.61 -9.41 -0.38
C ASN D 14 49.62 -9.56 -1.57
N TYR D 15 50.12 -10.07 -2.69
CA TYR D 15 49.23 -10.32 -3.84
C TYR D 15 48.20 -11.40 -3.50
N GLN D 16 48.63 -12.40 -2.75
CA GLN D 16 47.73 -13.45 -2.32
C GLN D 16 46.59 -12.91 -1.43
N LEU D 17 46.93 -12.08 -0.43
CA LEU D 17 45.91 -11.50 0.44
C LEU D 17 44.94 -10.65 -0.40
N THR D 18 45.50 -9.85 -1.30
CA THR D 18 44.66 -9.06 -2.19
C THR D 18 43.68 -9.87 -3.04
N LEU D 19 44.17 -10.95 -3.63
CA LEU D 19 43.33 -11.81 -4.46
C LEU D 19 42.20 -12.42 -3.64
N THR D 20 42.54 -12.92 -2.46
CA THR D 20 41.55 -13.48 -1.54
C THR D 20 40.42 -12.48 -1.21
N ASN D 21 40.82 -11.26 -0.85
CA ASN D 21 39.85 -10.22 -0.54
C ASN D 21 38.91 -9.91 -1.73
N THR D 22 39.54 -9.67 -2.87
CA THR D 22 38.82 -9.35 -4.10
C THR D 22 37.84 -10.49 -4.49
N ARG D 23 38.28 -11.75 -4.34
CA ARG D 23 37.42 -12.89 -4.61
C ARG D 23 36.22 -12.96 -3.66
N ALA D 24 36.42 -12.57 -2.40
CA ALA D 24 35.25 -12.53 -1.52
C ALA D 24 34.21 -11.50 -2.02
N THR D 25 34.71 -10.34 -2.42
CA THR D 25 33.79 -9.38 -3.03
C THR D 25 33.06 -9.94 -4.26
N VAL D 26 33.81 -10.61 -5.12
CA VAL D 26 33.21 -11.29 -6.28
C VAL D 26 32.06 -12.23 -5.89
N ASN D 27 32.27 -13.00 -4.82
CA ASN D 27 31.24 -13.95 -4.40
C ASN D 27 29.95 -13.24 -3.97
N ILE D 28 30.12 -12.18 -3.16
CA ILE D 28 28.95 -11.43 -2.71
C ILE D 28 28.19 -10.80 -3.89
N LEU D 29 28.94 -10.25 -4.85
CA LEU D 29 28.31 -9.68 -6.03
C LEU D 29 27.51 -10.74 -6.77
N GLU D 31 26.09 -13.58 -5.73
CA GLU D 31 24.85 -13.93 -5.06
C GLU D 31 23.78 -12.83 -5.17
N ARG D 32 24.17 -11.57 -4.93
CA ARG D 32 23.16 -10.52 -5.04
C ARG D 32 22.62 -10.38 -6.46
N LEU D 33 23.48 -10.59 -7.46
CA LEU D 33 23.04 -10.47 -8.85
C LEU D 33 22.09 -11.60 -9.21
N LYS D 34 22.38 -12.78 -8.67
CA LYS D 34 21.50 -13.91 -8.92
C LYS D 34 20.12 -13.58 -8.37
N LYS D 35 20.12 -13.06 -7.14
CA LYS D 35 18.88 -12.72 -6.47
C LYS D 35 18.09 -11.68 -7.22
N SER D 36 18.75 -10.62 -7.66
CA SER D 36 18.07 -9.56 -8.39
C SER D 36 17.49 -10.06 -9.70
N ASP D 37 18.26 -10.84 -10.45
CA ASP D 37 17.74 -11.33 -11.73
C ASP D 37 16.49 -12.19 -11.50
N ALA D 38 16.58 -13.05 -10.48
CA ALA D 38 15.44 -13.89 -10.10
C ALA D 38 14.23 -13.02 -9.78
N ASP D 39 14.47 -11.95 -9.02
CA ASP D 39 13.41 -11.02 -8.68
C ASP D 39 12.75 -10.44 -9.93
N VAL D 40 13.55 -10.02 -10.90
CA VAL D 40 12.99 -9.43 -12.10
C VAL D 40 12.08 -10.43 -12.82
N GLU D 41 12.52 -11.69 -12.91
CA GLU D 41 11.60 -12.71 -13.49
C GLU D 41 10.28 -12.83 -12.69
N GLN D 42 10.42 -12.89 -11.36
CA GLN D 42 9.28 -13.01 -10.46
C GLN D 42 8.28 -11.86 -10.68
N TYR D 43 8.77 -10.62 -10.70
CA TYR D 43 7.90 -9.49 -10.92
C TYR D 43 7.23 -9.55 -12.29
N ARG D 44 7.95 -9.96 -13.34
CA ARG D 44 7.28 -10.07 -14.64
C ARG D 44 6.11 -11.07 -14.58
N ALA D 45 6.35 -12.23 -13.97
CA ALA D 45 5.29 -13.25 -13.91
C ALA D 45 4.09 -12.83 -13.04
N GLU D 46 4.39 -12.19 -11.94
CA GLU D 46 3.34 -11.73 -11.06
CA GLU D 46 3.39 -11.66 -11.02
C GLU D 46 2.52 -10.66 -11.77
N LEU D 47 3.21 -9.79 -12.50
CA LEU D 47 2.61 -8.70 -13.25
C LEU D 47 1.64 -9.27 -14.30
N GLU D 48 2.11 -10.32 -15.00
CA GLU D 48 1.27 -11.00 -15.98
C GLU D 48 0.01 -11.58 -15.31
N SER D 49 0.21 -12.21 -14.15
CA SER D 49 -0.90 -12.81 -13.42
C SER D 49 -2.01 -11.81 -13.02
N VAL D 50 -1.56 -10.69 -12.44
CA VAL D 50 -2.47 -9.68 -11.95
C VAL D 50 -3.15 -8.97 -13.14
N GLN D 51 -2.44 -8.74 -14.24
CA GLN D 51 -3.15 -8.16 -15.37
C GLN D 51 -4.16 -9.12 -16.04
N LEU D 52 -3.90 -10.42 -16.06
CA LEU D 52 -4.97 -11.33 -16.49
C LEU D 52 -6.19 -11.23 -15.56
N ALA D 53 -5.96 -11.26 -14.25
CA ALA D 53 -7.09 -11.21 -13.31
C ALA D 53 -7.90 -9.90 -13.42
N LYS D 54 -7.15 -8.81 -13.59
CA LYS D 54 -7.74 -7.50 -13.82
C LYS D 54 -8.56 -7.46 -15.10
N GLY D 55 -8.05 -8.07 -16.17
CA GLY D 55 -8.80 -8.12 -17.42
C GLY D 55 -10.11 -8.88 -17.26
N ALA D 56 -10.06 -10.03 -16.58
CA ALA D 56 -11.31 -10.78 -16.37
C ALA D 56 -12.34 -9.96 -15.54
N LEU D 57 -11.83 -9.27 -14.51
CA LEU D 57 -12.67 -8.43 -13.70
C LEU D 57 -13.27 -7.28 -14.52
N GLU D 58 -12.51 -6.78 -15.49
CA GLU D 58 -13.00 -5.73 -16.41
C GLU D 58 -14.15 -6.26 -17.26
N GLN D 59 -13.99 -7.49 -17.75
CA GLN D 59 -15.07 -8.09 -18.53
C GLN D 59 -16.37 -8.24 -17.69
N SER D 60 -16.22 -8.78 -16.47
CA SER D 60 -17.36 -8.86 -15.56
C SER D 60 -18.01 -7.50 -15.32
N TYR D 61 -17.17 -6.48 -15.12
CA TYR D 61 -17.69 -5.14 -14.94
C TYR D 61 -18.52 -4.67 -16.14
N LEU D 62 -18.08 -4.97 -17.36
CA LEU D 62 -18.83 -4.54 -18.53
C LEU D 62 -20.19 -5.28 -18.67
N VAL D 63 -20.20 -6.56 -18.30
CA VAL D 63 -21.47 -7.30 -18.32
C VAL D 63 -22.46 -6.66 -17.34
N LEU D 64 -21.95 -6.39 -16.14
CA LEU D 64 -22.77 -5.80 -15.11
C LEU D 64 -23.25 -4.42 -15.53
N GLN D 65 -22.41 -3.73 -16.28
CA GLN D 65 -22.75 -2.42 -16.78
C GLN D 65 -23.88 -2.48 -17.77
N ALA D 66 -23.86 -3.48 -18.65
CA ALA D 66 -24.94 -3.60 -19.62
C ALA D 66 -26.26 -3.93 -18.91
N ASP D 67 -26.19 -4.83 -17.93
CA ASP D 67 -27.41 -5.10 -17.18
C ASP D 67 -27.93 -3.83 -16.49
N ALA D 68 -27.02 -3.04 -15.94
CA ALA D 68 -27.41 -1.82 -15.24
C ALA D 68 -28.05 -0.84 -16.22
N GLU D 69 -27.51 -0.78 -17.42
CA GLU D 69 -28.04 0.14 -18.45
C GLU D 69 -29.48 -0.19 -18.86
N GLN D 70 -29.70 -1.49 -19.06
CA GLN D 70 -31.04 -2.00 -19.33
C GLN D 70 -31.97 -1.61 -18.17
N LEU D 71 -31.51 -1.85 -16.95
CA LEU D 71 -32.32 -1.52 -15.78
C LEU D 71 -32.70 -0.04 -15.73
N ARG D 72 -31.76 0.87 -16.01
CA ARG D 72 -32.11 2.29 -15.96
C ARG D 72 -33.14 2.62 -17.03
N GLN D 73 -33.02 2.00 -18.21
CA GLN D 73 -34.03 2.32 -19.26
C GLN D 73 -35.43 1.89 -18.83
N GLN D 74 -35.50 0.70 -18.26
CA GLN D 74 -36.73 0.13 -17.73
C GLN D 74 -37.35 1.02 -16.61
N LEU D 75 -36.52 1.44 -15.67
CA LEU D 75 -37.00 2.31 -14.60
C LEU D 75 -37.50 3.65 -15.14
N THR D 76 -36.76 4.24 -16.08
CA THR D 76 -37.16 5.53 -16.65
C THR D 76 -38.54 5.40 -17.32
N GLU D 77 -38.74 4.34 -18.11
CA GLU D 77 -40.04 4.14 -18.72
C GLU D 77 -41.16 3.97 -17.65
N SER D 78 -40.86 3.22 -16.58
CA SER D 78 -41.84 3.02 -15.49
C SER D 78 -42.26 4.34 -14.83
N GLN D 79 -41.25 5.15 -14.52
CA GLN D 79 -41.47 6.46 -13.94
C GLN D 79 -42.29 7.38 -14.84
N ASP D 80 -41.93 7.42 -16.12
CA ASP D 80 -42.68 8.22 -17.09
C ASP D 80 -44.14 7.80 -17.17
N ALA D 81 -44.37 6.49 -17.16
CA ALA D 81 -45.74 5.99 -17.23
C ALA D 81 -46.53 6.41 -15.99
N LEU D 82 -45.97 6.17 -14.82
CA LEU D 82 -46.64 6.51 -13.56
C LEU D 82 -46.93 8.01 -13.51
N ASN D 83 -45.97 8.82 -13.94
CA ASN D 83 -46.14 10.27 -13.88
C ASN D 83 -47.21 10.79 -14.85
N ALA D 84 -47.28 10.14 -16.02
CA ALA D 84 -48.28 10.50 -17.01
C ALA D 84 -49.68 10.10 -16.54
N LEU D 85 -49.79 8.92 -15.92
CA LEU D 85 -51.07 8.47 -15.40
C LEU D 85 -51.54 9.33 -14.23
N ARG D 86 -50.61 9.81 -13.42
CA ARG D 86 -50.93 10.75 -12.35
C ARG D 86 -51.38 12.12 -12.89
N SER D 87 -50.69 12.61 -13.93
CA SER D 87 -51.06 13.91 -14.50
C SER D 87 -52.38 13.83 -15.25
N SER D 88 -52.73 12.65 -15.76
CA SER D 88 -54.01 12.49 -16.41
C SER D 88 -55.09 12.43 -15.32
N SER D 89 -54.82 11.62 -14.29
CA SER D 89 -55.71 11.50 -13.14
C SER D 89 -55.70 12.78 -12.30
N GLY E 3 35.47 -30.00 -29.53
CA GLY E 3 36.23 -28.99 -30.24
C GLY E 3 35.97 -27.56 -29.75
N SER E 4 34.99 -27.41 -28.86
CA SER E 4 34.65 -26.10 -28.31
C SER E 4 35.69 -25.63 -27.29
N LYS E 6 35.10 -24.47 -24.37
CA LYS E 6 34.72 -25.11 -23.12
C LYS E 6 35.32 -26.51 -23.01
N GLU E 7 35.32 -27.25 -24.12
CA GLU E 7 35.85 -28.61 -24.14
C GLU E 7 37.38 -28.62 -24.06
N GLN E 8 38.03 -27.65 -24.70
CA GLN E 8 39.49 -27.54 -24.62
C GLN E 8 39.90 -27.32 -23.16
N LEU E 9 39.19 -26.40 -22.51
CA LEU E 9 39.44 -26.05 -21.12
C LEU E 9 39.24 -27.25 -20.23
N LEU E 10 38.23 -28.05 -20.53
CA LEU E 10 37.98 -29.22 -19.69
C LEU E 10 39.05 -30.31 -19.92
N TYR E 11 39.50 -30.45 -21.16
CA TYR E 11 40.61 -31.31 -21.50
C TYR E 11 41.82 -30.87 -20.65
N LEU E 12 42.05 -29.57 -20.61
CA LEU E 12 43.18 -29.00 -19.91
C LEU E 12 43.07 -29.16 -18.38
N SER E 13 41.86 -29.06 -17.83
CA SER E 13 41.68 -29.19 -16.39
C SER E 13 41.81 -30.63 -15.94
N LYS E 14 41.36 -31.56 -16.78
CA LYS E 14 41.60 -32.97 -16.49
C LYS E 14 43.10 -33.30 -16.61
N LEU E 15 43.75 -32.67 -17.57
CA LEU E 15 45.13 -32.96 -17.89
C LEU E 15 46.09 -32.42 -16.81
N LEU E 16 45.79 -31.22 -16.32
CA LEU E 16 46.65 -30.51 -15.36
C LEU E 16 46.09 -30.50 -13.93
N ASP E 17 45.03 -31.26 -13.69
CA ASP E 17 44.45 -31.47 -12.36
C ASP E 17 44.04 -30.19 -11.61
N PHE E 18 43.20 -29.36 -12.24
CA PHE E 18 42.53 -28.26 -11.53
C PHE E 18 41.02 -28.29 -11.76
N GLU E 19 40.27 -27.71 -10.83
CA GLU E 19 38.81 -27.67 -10.94
C GLU E 19 38.36 -26.47 -11.75
N VAL E 20 37.25 -26.63 -12.44
CA VAL E 20 36.72 -25.57 -13.28
C VAL E 20 35.24 -25.48 -12.98
N ASN E 21 34.76 -24.32 -12.53
CA ASN E 21 33.32 -24.19 -12.26
C ASN E 21 32.66 -23.04 -13.04
N PHE E 22 31.66 -23.38 -13.85
CA PHE E 22 30.89 -22.41 -14.63
C PHE E 22 29.64 -21.96 -13.88
N SER E 23 29.37 -20.67 -13.95
CA SER E 23 28.15 -20.11 -13.42
C SER E 23 27.56 -19.29 -14.54
N ASP E 24 26.39 -19.68 -14.99
CA ASP E 24 25.78 -19.01 -16.11
C ASP E 24 24.63 -18.13 -15.66
N TYR E 25 24.58 -16.93 -16.23
CA TYR E 25 23.50 -15.99 -16.01
C TYR E 25 22.85 -15.80 -17.34
N PRO E 26 21.57 -16.14 -17.39
CA PRO E 26 20.69 -15.96 -18.54
C PRO E 26 20.66 -14.49 -18.89
N LYS E 27 20.33 -14.18 -20.14
CA LYS E 27 20.24 -12.81 -20.61
C LYS E 27 19.30 -11.99 -19.71
N GLY E 28 18.11 -12.53 -19.45
CA GLY E 28 17.12 -11.83 -18.64
C GLY E 28 16.84 -10.44 -19.19
N ASN E 29 16.88 -9.43 -18.32
CA ASN E 29 16.72 -8.06 -18.79
C ASN E 29 18.07 -7.35 -19.04
N HIS E 30 19.13 -8.15 -19.11
CA HIS E 30 20.43 -7.60 -19.41
C HIS E 30 20.68 -7.62 -20.91
N ASN E 31 21.74 -6.94 -21.34
CA ASN E 31 22.01 -6.79 -22.78
C ASN E 31 22.62 -8.02 -23.44
N GLU E 32 23.01 -9.01 -22.63
CA GLU E 32 23.69 -10.23 -23.10
C GLU E 32 23.73 -11.30 -21.99
N PHE E 33 24.03 -12.53 -22.39
CA PHE E 33 24.32 -13.60 -21.43
C PHE E 33 25.69 -13.40 -20.81
N LEU E 34 25.83 -13.83 -19.56
CA LEU E 34 27.09 -13.77 -18.83
C LEU E 34 27.47 -15.12 -18.22
N THR E 35 28.73 -15.51 -18.35
CA THR E 35 29.26 -16.71 -17.73
C THR E 35 30.47 -16.36 -16.90
N ILE E 36 30.49 -16.82 -15.66
CA ILE E 36 31.67 -16.74 -14.80
C ILE E 36 32.32 -18.12 -14.75
N VAL E 37 33.62 -18.21 -14.97
CA VAL E 37 34.28 -19.49 -14.83
C VAL E 37 35.40 -19.35 -13.78
N THR E 38 35.35 -20.19 -12.74
CA THR E 38 36.38 -20.17 -11.72
C THR E 38 37.34 -21.30 -12.00
N LEU E 39 38.62 -21.01 -11.85
CA LEU E 39 39.69 -21.97 -12.12
C LEU E 39 40.47 -22.16 -10.84
N SER E 40 40.47 -23.38 -10.32
CA SER E 40 41.18 -23.61 -9.06
C SER E 40 42.70 -23.76 -9.30
N THR E 41 43.28 -22.80 -10.03
CA THR E 41 44.71 -22.79 -10.31
C THR E 41 45.49 -21.94 -9.33
N HIS E 42 46.81 -21.83 -9.55
CA HIS E 42 47.68 -21.03 -8.68
C HIS E 42 48.50 -20.02 -9.46
N PRO E 43 48.12 -18.75 -9.38
CA PRO E 43 46.99 -18.22 -8.59
C PRO E 43 45.61 -18.52 -9.22
N PRO E 44 44.55 -18.58 -8.39
CA PRO E 44 43.21 -18.86 -8.93
C PRO E 44 42.75 -17.82 -9.93
N GLN E 45 41.85 -18.23 -10.82
CA GLN E 45 41.31 -17.31 -11.79
C GLN E 45 39.80 -17.28 -11.65
N ILE E 46 39.26 -16.09 -11.87
CA ILE E 46 37.82 -15.87 -11.94
C ILE E 46 37.62 -15.11 -13.25
N CYS E 47 37.24 -15.83 -14.28
CA CYS E 47 37.12 -15.22 -15.58
C CYS E 47 35.65 -15.05 -15.93
N HIS E 48 35.37 -14.26 -16.95
CA HIS E 48 33.99 -14.11 -17.37
C HIS E 48 33.91 -14.13 -18.89
N GLY E 49 32.69 -14.28 -19.41
CA GLY E 49 32.42 -14.27 -20.83
C GLY E 49 31.00 -13.81 -21.12
N VAL E 50 30.82 -13.20 -22.28
CA VAL E 50 29.50 -12.73 -22.66
C VAL E 50 29.10 -13.29 -24.01
N GLY E 51 27.80 -13.31 -24.28
CA GLY E 51 27.34 -13.74 -25.60
C GLY E 51 25.86 -13.48 -25.86
N LYS E 52 25.40 -13.88 -27.05
CA LYS E 52 24.00 -13.71 -27.38
C LYS E 52 23.27 -15.00 -27.00
N SER E 53 24.05 -15.97 -26.53
CA SER E 53 23.51 -17.24 -26.00
C SER E 53 24.38 -17.77 -24.85
N SER E 54 23.79 -18.64 -24.03
CA SER E 54 24.49 -19.23 -22.90
C SER E 54 25.75 -19.99 -23.36
N GLU E 55 25.64 -20.66 -24.49
CA GLU E 55 26.74 -21.40 -25.10
C GLU E 55 27.86 -20.46 -25.55
N GLU E 56 27.47 -19.37 -26.17
CA GLU E 56 28.41 -18.41 -26.68
C GLU E 56 29.18 -17.71 -25.55
N SER E 57 28.49 -17.40 -24.46
CA SER E 57 29.13 -16.74 -23.32
C SER E 57 30.01 -17.76 -22.56
N GLN E 58 29.56 -19.01 -22.50
CA GLN E 58 30.36 -20.07 -21.92
C GLN E 58 31.68 -20.29 -22.66
N ASN E 59 31.61 -20.30 -23.99
CA ASN E 59 32.81 -20.46 -24.79
C ASN E 59 33.66 -19.20 -24.72
N ASP E 60 33.03 -18.02 -24.64
CA ASP E 60 33.80 -16.78 -24.52
C ASP E 60 34.58 -16.77 -23.19
N ALA E 61 33.93 -17.25 -22.14
CA ALA E 61 34.52 -17.31 -20.81
C ALA E 61 35.71 -18.28 -20.82
N ALA E 62 35.46 -19.50 -21.30
CA ALA E 62 36.51 -20.49 -21.44
C ALA E 62 37.69 -19.92 -22.27
N SER E 63 37.36 -19.20 -23.32
CA SER E 63 38.35 -18.58 -24.19
C SER E 63 39.26 -17.61 -23.41
N ASN E 64 38.64 -16.79 -22.57
CA ASN E 64 39.40 -15.85 -21.78
C ASN E 64 40.26 -16.55 -20.70
N ALA E 65 39.76 -17.65 -20.16
CA ALA E 65 40.56 -18.48 -19.26
C ALA E 65 41.84 -19.02 -19.95
N LEU E 66 41.67 -19.64 -21.12
CA LEU E 66 42.80 -20.18 -21.87
C LEU E 66 43.80 -19.08 -22.19
N LYS E 67 43.32 -17.89 -22.51
CA LYS E 67 44.26 -16.78 -22.72
C LYS E 67 45.10 -16.51 -21.48
N ILE E 68 44.42 -16.35 -20.34
CA ILE E 68 45.20 -16.02 -19.14
C ILE E 68 46.21 -17.13 -18.81
N LEU E 69 45.75 -18.38 -18.80
CA LEU E 69 46.61 -19.52 -18.47
C LEU E 69 47.81 -19.54 -19.40
N SER E 70 47.61 -19.21 -20.66
CA SER E 70 48.71 -19.20 -21.61
C SER E 70 49.71 -18.10 -21.26
N LYS E 71 49.23 -16.99 -20.70
CA LYS E 71 50.12 -15.88 -20.31
C LYS E 71 50.86 -16.14 -18.97
N LEU E 72 50.51 -17.19 -18.25
CA LEU E 72 51.20 -17.48 -17.00
C LEU E 72 52.49 -18.26 -17.25
N PRO F 2 -1.89 -20.83 22.85
CA PRO F 2 -3.01 -20.06 22.29
C PRO F 2 -4.37 -20.32 22.97
N GLY F 3 -4.50 -20.20 24.29
CA GLY F 3 -3.46 -19.77 25.21
C GLY F 3 -3.33 -18.25 25.24
N SER F 4 -4.06 -17.61 24.32
CA SER F 4 -4.12 -16.17 24.19
C SER F 4 -5.01 -15.51 25.26
N LYS F 6 -7.64 -13.95 24.54
CA LYS F 6 -9.00 -14.24 24.14
C LYS F 6 -9.39 -15.61 24.67
N GLU F 7 -8.44 -16.55 24.66
CA GLU F 7 -8.75 -17.90 25.13
C GLU F 7 -8.92 -17.97 26.66
N GLN F 8 -8.13 -17.20 27.40
CA GLN F 8 -8.24 -17.17 28.86
C GLN F 8 -9.60 -16.65 29.29
N LEU F 9 -10.04 -15.57 28.66
CA LEU F 9 -11.34 -14.98 28.94
C LEU F 9 -12.45 -15.96 28.63
N LEU F 10 -12.33 -16.71 27.55
CA LEU F 10 -13.39 -17.68 27.25
C LEU F 10 -13.40 -18.85 28.20
N TYR F 11 -12.21 -19.28 28.63
CA TYR F 11 -12.10 -20.28 29.66
C TYR F 11 -12.88 -19.77 30.89
N LEU F 12 -12.62 -18.53 31.23
CA LEU F 12 -13.24 -17.91 32.39
C LEU F 12 -14.77 -17.76 32.25
N SER F 13 -15.24 -17.47 31.05
CA SER F 13 -16.67 -17.30 30.85
C SER F 13 -17.44 -18.62 30.84
N LYS F 14 -16.82 -19.66 30.29
CA LYS F 14 -17.40 -21.00 30.37
C LYS F 14 -17.38 -21.47 31.83
N LEU F 15 -16.33 -21.09 32.54
CA LEU F 15 -16.17 -21.56 33.90
C LEU F 15 -17.16 -20.89 34.85
N LEU F 16 -17.36 -19.59 34.68
CA LEU F 16 -18.19 -18.82 35.61
C LEU F 16 -19.57 -18.47 35.06
N ASP F 17 -19.92 -19.00 33.90
CA ASP F 17 -21.25 -18.80 33.30
C ASP F 17 -21.61 -17.31 33.17
N PHE F 18 -20.74 -16.56 32.49
CA PHE F 18 -21.14 -15.23 32.05
C PHE F 18 -20.91 -15.17 30.55
N GLU F 19 -21.72 -14.37 29.86
CA GLU F 19 -21.67 -14.27 28.41
C GLU F 19 -20.62 -13.22 28.01
N VAL F 20 -19.96 -13.48 26.88
CA VAL F 20 -18.92 -12.58 26.39
C VAL F 20 -19.12 -12.40 24.88
N ASN F 21 -19.29 -11.16 24.44
CA ASN F 21 -19.52 -10.91 23.00
C ASN F 21 -18.50 -9.93 22.40
N PHE F 22 -17.84 -10.34 21.32
CA PHE F 22 -16.90 -9.47 20.64
C PHE F 22 -17.55 -8.74 19.48
N SER F 23 -17.17 -7.48 19.34
CA SER F 23 -17.57 -6.67 18.21
C SER F 23 -16.32 -6.01 17.60
N ASP F 24 -16.05 -6.32 16.35
CA ASP F 24 -14.84 -5.80 15.71
C ASP F 24 -15.13 -4.70 14.69
N TYR F 25 -14.33 -3.67 14.74
CA TYR F 25 -14.37 -2.56 13.80
C TYR F 25 -13.05 -2.54 13.08
N PRO F 26 -13.10 -2.67 11.74
CA PRO F 26 -11.94 -2.53 10.83
C PRO F 26 -11.28 -1.17 10.97
N LYS F 27 -10.02 -1.09 10.55
CA LYS F 27 -9.30 0.17 10.56
C LYS F 27 -10.09 1.26 9.85
N GLY F 28 -10.59 0.94 8.64
CA GLY F 28 -11.30 1.89 7.80
C GLY F 28 -10.39 3.10 7.59
N ASN F 29 -10.97 4.28 7.78
CA ASN F 29 -10.20 5.50 7.69
C ASN F 29 -9.72 5.97 9.06
N HIS F 30 -9.79 5.08 10.05
CA HIS F 30 -9.33 5.40 11.41
C HIS F 30 -7.86 5.03 11.62
N ASN F 31 -7.31 5.44 12.75
CA ASN F 31 -5.88 5.24 12.96
C ASN F 31 -5.50 3.82 13.36
N GLU F 32 -6.51 2.99 13.64
CA GLU F 32 -6.28 1.63 14.14
C GLU F 32 -7.58 0.80 14.11
N PHE F 33 -7.41 -0.50 14.34
CA PHE F 33 -8.53 -1.41 14.59
C PHE F 33 -9.10 -1.24 16.00
N LEU F 34 -10.39 -1.50 16.12
CA LEU F 34 -11.10 -1.40 17.39
C LEU F 34 -11.92 -2.65 17.71
N THR F 35 -11.86 -3.14 18.93
CA THR F 35 -12.77 -4.21 19.34
C THR F 35 -13.47 -3.79 20.61
N ILE F 36 -14.78 -3.98 20.64
CA ILE F 36 -15.52 -3.82 21.89
C ILE F 36 -15.83 -5.22 22.37
N VAL F 37 -15.64 -5.50 23.65
CA VAL F 37 -16.05 -6.77 24.20
C VAL F 37 -17.01 -6.57 25.38
N THR F 38 -18.19 -7.22 25.32
CA THR F 38 -19.16 -7.15 26.42
C THR F 38 -19.15 -8.39 27.32
N LEU F 39 -19.26 -8.15 28.62
CA LEU F 39 -19.22 -9.22 29.63
C LEU F 39 -20.52 -9.21 30.45
N SER F 40 -21.32 -10.27 30.38
CA SER F 40 -22.59 -10.25 31.12
C SER F 40 -22.39 -10.60 32.60
N THR F 41 -21.46 -9.87 33.24
CA THR F 41 -21.15 -10.06 34.63
C THR F 41 -22.04 -9.13 35.46
N HIS F 42 -21.82 -9.10 36.78
CA HIS F 42 -22.58 -8.25 37.69
C HIS F 42 -21.63 -7.41 38.55
N PRO F 43 -21.45 -6.11 38.24
CA PRO F 43 -22.06 -5.38 37.12
C PRO F 43 -21.44 -5.74 35.79
N PRO F 44 -22.24 -5.65 34.72
CA PRO F 44 -21.78 -5.97 33.37
C PRO F 44 -20.66 -5.04 32.96
N GLN F 45 -19.81 -5.48 32.05
CA GLN F 45 -18.70 -4.67 31.60
C GLN F 45 -18.73 -4.48 30.08
N ILE F 46 -18.28 -3.31 29.65
CA ILE F 46 -18.12 -3.03 28.24
C ILE F 46 -16.71 -2.50 28.05
N CYS F 47 -15.83 -3.39 27.61
CA CYS F 47 -14.43 -3.09 27.48
C CYS F 47 -14.09 -2.88 26.01
N HIS F 48 -12.91 -2.35 25.75
CA HIS F 48 -12.48 -2.17 24.37
C HIS F 48 -10.99 -2.45 24.23
N GLY F 49 -10.55 -2.58 22.99
CA GLY F 49 -9.15 -2.80 22.69
C GLY F 49 -8.82 -2.28 21.31
N VAL F 50 -7.58 -1.83 21.13
CA VAL F 50 -7.19 -1.32 19.83
C VAL F 50 -6.00 -2.13 19.34
N GLY F 51 -5.77 -2.12 18.03
CA GLY F 51 -4.62 -2.81 17.48
C GLY F 51 -4.34 -2.53 16.00
N LYS F 52 -3.30 -3.19 15.46
CA LYS F 52 -2.93 -3.07 14.06
C LYS F 52 -3.61 -4.18 13.27
N SER F 53 -4.33 -5.04 14.00
CA SER F 53 -5.16 -6.09 13.40
C SER F 53 -6.37 -6.43 14.31
N SER F 54 -7.40 -7.05 13.73
CA SER F 54 -8.54 -7.52 14.48
C SER F 54 -8.13 -8.50 15.59
N GLU F 55 -7.09 -9.30 15.31
CA GLU F 55 -6.55 -10.24 16.26
C GLU F 55 -5.95 -9.49 17.44
N GLU F 56 -5.17 -8.48 17.11
CA GLU F 56 -4.53 -7.70 18.15
C GLU F 56 -5.56 -6.94 18.96
N SER F 57 -6.57 -6.37 18.29
CA SER F 57 -7.51 -5.54 19.03
C SER F 57 -8.35 -6.47 19.92
N GLN F 58 -8.67 -7.65 19.41
CA GLN F 58 -9.39 -8.63 20.23
C GLN F 58 -8.58 -9.04 21.47
N ASN F 59 -7.27 -9.26 21.32
CA ASN F 59 -6.50 -9.65 22.49
C ASN F 59 -6.35 -8.47 23.46
N ASP F 60 -6.23 -7.26 22.94
CA ASP F 60 -6.14 -6.07 23.78
C ASP F 60 -7.45 -5.92 24.59
N ALA F 61 -8.57 -6.19 23.93
CA ALA F 61 -9.88 -6.10 24.57
C ALA F 61 -10.00 -7.13 25.67
N ALA F 62 -9.68 -8.38 25.32
CA ALA F 62 -9.72 -9.50 26.26
C ALA F 62 -8.90 -9.21 27.48
N SER F 63 -7.73 -8.65 27.23
CA SER F 63 -6.83 -8.29 28.29
C SER F 63 -7.46 -7.25 29.21
N ASN F 64 -8.06 -6.22 28.63
N ASN F 64 -8.02 -6.20 28.61
CA ASN F 64 -8.63 -5.18 29.46
CA ASN F 64 -8.73 -5.14 29.34
C ASN F 64 -9.83 -5.72 30.27
C ASN F 64 -9.82 -5.72 30.25
N ALA F 65 -10.57 -6.65 29.66
CA ALA F 65 -11.61 -7.36 30.37
C ALA F 65 -11.05 -8.13 31.59
N LEU F 66 -9.97 -8.90 31.40
CA LEU F 66 -9.35 -9.66 32.51
C LEU F 66 -8.80 -8.77 33.62
N LYS F 67 -8.17 -7.67 33.24
CA LYS F 67 -7.70 -6.73 34.26
C LYS F 67 -8.89 -6.22 35.10
N ILE F 68 -9.94 -5.75 34.42
CA ILE F 68 -11.09 -5.23 35.17
C ILE F 68 -11.70 -6.32 36.10
N LEU F 69 -11.89 -7.55 35.56
CA LEU F 69 -12.45 -8.63 36.38
C LEU F 69 -11.60 -8.91 37.62
N SER F 70 -10.27 -8.88 37.47
CA SER F 70 -9.43 -9.11 38.63
C SER F 70 -9.52 -7.95 39.62
N LYS F 71 -9.75 -6.72 39.15
CA LYS F 71 -9.77 -5.59 40.09
C LYS F 71 -11.06 -5.48 40.92
N LEU F 72 -12.06 -6.27 40.61
CA LEU F 72 -13.32 -6.22 41.33
C LEU F 72 -13.21 -7.04 42.62
N GLY G 3 35.52 10.79 13.45
CA GLY G 3 36.11 9.68 14.18
C GLY G 3 35.73 8.30 13.67
N SER G 4 34.82 8.23 12.71
CA SER G 4 34.39 6.94 12.17
C SER G 4 35.44 6.35 11.24
N LYS G 6 35.15 5.36 8.29
CA LYS G 6 35.15 5.99 6.98
C LYS G 6 36.02 7.23 6.93
N GLU G 7 35.98 8.01 8.00
CA GLU G 7 36.73 9.26 8.06
C GLU G 7 38.23 8.98 8.19
N GLN G 8 38.55 7.90 8.89
CA GLN G 8 39.94 7.48 9.07
C GLN G 8 40.55 7.09 7.74
N LEU G 9 39.80 6.31 6.98
CA LEU G 9 40.23 5.86 5.67
C LEU G 9 40.42 7.05 4.74
N LEU G 10 39.57 8.07 4.87
CA LEU G 10 39.73 9.24 4.01
C LEU G 10 40.91 10.13 4.43
N TYR G 11 41.14 10.25 5.74
CA TYR G 11 42.32 10.91 6.26
C TYR G 11 43.57 10.21 5.65
N LEU G 12 43.57 8.87 5.70
CA LEU G 12 44.68 8.08 5.19
C LEU G 12 44.83 8.22 3.66
N SER G 13 43.73 8.36 2.93
CA SER G 13 43.85 8.47 1.48
C SER G 13 44.42 9.82 1.09
N LYS G 14 44.06 10.86 1.84
CA LYS G 14 44.65 12.19 1.66
C LYS G 14 46.13 12.18 2.05
N LEU G 15 46.47 11.44 3.10
CA LEU G 15 47.82 11.44 3.65
C LEU G 15 48.81 10.76 2.72
N LEU G 16 48.37 9.63 2.16
CA LEU G 16 49.21 8.78 1.32
C LEU G 16 48.85 8.92 -0.15
N ASP G 17 47.97 9.87 -0.46
CA ASP G 17 47.62 10.18 -1.85
C ASP G 17 47.11 8.96 -2.65
N PHE G 18 46.05 8.30 -2.17
CA PHE G 18 45.35 7.32 -3.02
C PHE G 18 43.86 7.64 -3.07
N GLU G 19 43.21 7.19 -4.13
CA GLU G 19 41.79 7.46 -4.30
C GLU G 19 41.00 6.41 -3.55
N VAL G 20 39.81 6.81 -3.09
CA VAL G 20 38.89 5.94 -2.39
C VAL G 20 37.56 6.17 -3.04
N ASN G 21 36.96 5.13 -3.60
CA ASN G 21 35.64 5.35 -4.20
C ASN G 21 34.63 4.42 -3.58
N PHE G 22 33.55 5.01 -3.07
CA PHE G 22 32.46 4.24 -2.45
C PHE G 22 31.33 3.97 -3.45
N SER G 23 30.83 2.74 -3.45
CA SER G 23 29.67 2.37 -4.24
C SER G 23 28.67 1.72 -3.31
N ASP G 24 27.50 2.34 -3.24
CA ASP G 24 26.46 1.88 -2.35
C ASP G 24 25.34 1.21 -3.13
N TYR G 25 24.89 0.11 -2.58
CA TYR G 25 23.77 -0.63 -3.10
C TYR G 25 22.73 -0.64 -1.98
N PRO G 26 21.56 -0.03 -2.28
CA PRO G 26 20.42 -0.01 -1.36
C PRO G 26 20.01 -1.43 -0.96
N LYS G 27 19.36 -1.57 0.19
CA LYS G 27 18.90 -2.87 0.64
C LYS G 27 18.06 -3.52 -0.45
N GLY G 28 17.10 -2.77 -0.97
CA GLY G 28 16.19 -3.26 -1.98
C GLY G 28 15.52 -4.55 -1.51
N ASN G 29 15.55 -5.57 -2.36
CA ASN G 29 14.99 -6.86 -2.00
C ASN G 29 16.06 -7.78 -1.41
N HIS G 30 17.22 -7.22 -1.08
CA HIS G 30 18.28 -8.00 -0.43
C HIS G 30 18.23 -7.88 1.09
N ASN G 31 19.01 -8.72 1.77
CA ASN G 31 18.98 -8.80 3.22
C ASN G 31 19.71 -7.65 3.91
N GLU G 32 20.41 -6.82 3.13
CA GLU G 32 21.20 -5.73 3.73
C GLU G 32 21.66 -4.71 2.70
N PHE G 33 22.12 -3.57 3.21
CA PHE G 33 22.82 -2.61 2.36
C PHE G 33 24.21 -3.16 2.09
N LEU G 34 24.71 -2.85 0.91
CA LEU G 34 26.04 -3.30 0.56
C LEU G 34 26.87 -2.14 0.09
N THR G 35 28.10 -2.07 0.56
CA THR G 35 29.04 -1.10 0.05
C THR G 35 30.31 -1.79 -0.45
N ILE G 36 30.67 -1.44 -1.68
CA ILE G 36 31.96 -1.80 -2.24
C ILE G 36 32.82 -0.55 -2.17
N VAL G 37 34.05 -0.69 -1.65
CA VAL G 37 34.98 0.42 -1.62
C VAL G 37 36.26 0.05 -2.37
N THR G 38 36.63 0.93 -3.31
CA THR G 38 37.82 0.75 -4.13
C THR G 38 38.97 1.64 -3.67
N LEU G 39 40.17 1.07 -3.65
CA LEU G 39 41.37 1.76 -3.21
C LEU G 39 42.37 1.75 -4.36
N SER G 40 42.70 2.92 -4.89
CA SER G 40 43.64 3.00 -6.02
C SER G 40 45.10 2.93 -5.54
N THR G 41 45.36 1.91 -4.72
CA THR G 41 46.66 1.65 -4.15
C THR G 41 47.48 0.67 -4.98
N HIS G 42 48.64 0.26 -4.46
CA HIS G 42 49.51 -0.67 -5.14
C HIS G 42 49.84 -1.87 -4.26
N PRO G 43 49.19 -3.02 -4.51
CA PRO G 43 48.16 -3.21 -5.55
C PRO G 43 46.79 -2.67 -5.13
N PRO G 44 45.93 -2.26 -6.08
CA PRO G 44 44.62 -1.70 -5.75
C PRO G 44 43.73 -2.72 -5.03
N GLN G 45 42.80 -2.21 -4.23
CA GLN G 45 41.96 -3.07 -3.41
C GLN G 45 40.48 -2.87 -3.68
N ILE G 46 39.73 -3.97 -3.55
CA ILE G 46 38.29 -3.90 -3.62
C ILE G 46 37.68 -4.60 -2.42
N CYS G 47 37.29 -3.82 -1.42
CA CYS G 47 36.76 -4.40 -0.20
C CYS G 47 35.28 -4.19 -0.18
N HIS G 48 34.62 -4.88 0.73
CA HIS G 48 33.19 -4.68 0.87
C HIS G 48 32.80 -4.64 2.32
N GLY G 49 31.57 -4.19 2.53
CA GLY G 49 30.95 -4.13 3.83
C GLY G 49 29.44 -4.23 3.71
N VAL G 50 28.81 -4.79 4.73
CA VAL G 50 27.36 -4.92 4.72
C VAL G 50 26.79 -4.26 5.96
N GLY G 51 25.51 -3.89 5.90
CA GLY G 51 24.89 -3.31 7.07
C GLY G 51 23.40 -3.11 7.00
N LYS G 52 22.83 -2.55 8.07
CA LYS G 52 21.40 -2.27 8.12
C LYS G 52 21.12 -0.85 7.65
N SER G 53 22.19 -0.11 7.35
CA SER G 53 22.08 1.25 6.79
C SER G 53 23.24 1.50 5.84
N SER G 54 23.08 2.47 4.96
CA SER G 54 24.15 2.86 4.04
C SER G 54 25.41 3.24 4.85
N GLU G 55 25.18 3.89 6.00
CA GLU G 55 26.26 4.29 6.89
C GLU G 55 26.98 3.10 7.52
N GLU G 56 26.20 2.14 8.01
CA GLU G 56 26.80 0.98 8.67
C GLU G 56 27.62 0.12 7.69
N SER G 57 27.11 -0.01 6.46
CA SER G 57 27.79 -0.81 5.44
C SER G 57 29.03 -0.06 4.95
N GLN G 58 28.93 1.26 4.83
CA GLN G 58 30.10 2.08 4.49
C GLN G 58 31.24 1.99 5.54
N ASN G 59 30.88 2.05 6.83
CA ASN G 59 31.89 1.93 7.88
C ASN G 59 32.47 0.52 7.96
N ASP G 60 31.63 -0.48 7.69
CA ASP G 60 32.11 -1.86 7.63
C ASP G 60 33.14 -2.03 6.50
N ALA G 61 32.85 -1.38 5.36
CA ALA G 61 33.72 -1.43 4.19
C ALA G 61 35.06 -0.79 4.49
N ALA G 62 35.01 0.44 4.98
CA ALA G 62 36.21 1.17 5.39
C ALA G 62 37.02 0.38 6.40
N SER G 63 36.32 -0.27 7.33
CA SER G 63 37.00 -1.09 8.33
C SER G 63 37.79 -2.25 7.69
N ASN G 64 37.16 -2.95 6.76
CA ASN G 64 37.85 -4.06 6.09
C ASN G 64 39.02 -3.55 5.22
N ALA G 65 38.85 -2.37 4.66
CA ALA G 65 39.94 -1.71 3.95
C ALA G 65 41.12 -1.41 4.88
N LEU G 66 40.84 -0.80 6.03
CA LEU G 66 41.90 -0.49 6.98
C LEU G 66 42.64 -1.75 7.42
N LYS G 67 41.90 -2.84 7.68
CA LYS G 67 42.57 -4.11 8.01
C LYS G 67 43.50 -4.54 6.86
N ILE G 68 42.96 -4.52 5.64
CA ILE G 68 43.76 -4.94 4.49
C ILE G 68 45.03 -4.10 4.34
N LEU G 69 44.89 -2.78 4.40
CA LEU G 69 46.02 -1.85 4.29
C LEU G 69 47.07 -2.09 5.39
N SER G 70 46.62 -2.41 6.60
CA SER G 70 47.55 -2.65 7.68
C SER G 70 48.37 -3.93 7.42
N LYS G 71 47.72 -4.90 6.77
CA LYS G 71 48.41 -6.17 6.46
C LYS G 71 49.38 -6.08 5.28
N LEU G 72 49.33 -5.00 4.51
CA LEU G 72 50.23 -4.85 3.38
C LEU G 72 51.58 -4.23 3.77
N GLY H 3 -37.47 28.13 27.80
CA GLY H 3 -38.45 27.35 28.56
C GLY H 3 -38.42 25.87 28.22
N SER H 4 -37.61 25.53 27.22
CA SER H 4 -37.48 24.14 26.75
C SER H 4 -36.70 23.23 27.71
N LYS H 6 -34.09 21.59 27.19
CA LYS H 6 -32.68 21.93 27.15
C LYS H 6 -32.43 23.08 28.10
N GLU H 7 -33.36 24.03 28.12
CA GLU H 7 -33.19 25.20 28.95
C GLU H 7 -33.31 24.82 30.42
N GLN H 8 -34.20 23.88 30.75
CA GLN H 8 -34.32 23.44 32.14
C GLN H 8 -33.04 22.81 32.60
N LEU H 9 -32.49 21.93 31.78
CA LEU H 9 -31.27 21.26 32.15
C LEU H 9 -30.13 22.24 32.32
N LEU H 10 -30.06 23.24 31.45
CA LEU H 10 -28.97 24.21 31.54
C LEU H 10 -29.13 25.10 32.76
N TYR H 11 -30.38 25.46 33.06
CA TYR H 11 -30.72 26.16 34.29
C TYR H 11 -30.22 25.33 35.48
N LEU H 12 -30.48 24.03 35.43
CA LEU H 12 -30.13 23.10 36.49
C LEU H 12 -28.61 22.94 36.67
N SER H 13 -27.89 22.97 35.56
CA SER H 13 -26.45 22.79 35.58
C SER H 13 -25.76 24.05 36.05
N LYS H 14 -26.30 25.21 35.64
CA LYS H 14 -25.81 26.49 36.12
C LYS H 14 -26.12 26.59 37.62
N LEU H 15 -27.23 26.01 38.05
CA LEU H 15 -27.63 26.07 39.46
C LEU H 15 -26.84 25.15 40.38
N LEU H 16 -26.56 23.92 39.92
CA LEU H 16 -25.91 22.92 40.75
C LEU H 16 -24.44 22.74 40.37
N ASP H 17 -23.98 23.62 39.48
CA ASP H 17 -22.58 23.66 39.07
C ASP H 17 -22.05 22.32 38.54
N PHE H 18 -22.70 21.77 37.52
CA PHE H 18 -22.11 20.67 36.77
C PHE H 18 -22.11 21.03 35.29
N GLU H 19 -21.15 20.50 34.56
CA GLU H 19 -21.00 20.86 33.16
C GLU H 19 -21.90 19.97 32.34
N VAL H 20 -22.38 20.53 31.24
CA VAL H 20 -23.26 19.83 30.35
C VAL H 20 -22.75 20.06 28.95
N ASN H 21 -22.47 18.98 28.24
CA ASN H 21 -22.00 19.13 26.88
C ASN H 21 -22.85 18.34 25.92
N PHE H 22 -23.33 19.02 24.90
CA PHE H 22 -24.10 18.38 23.86
C PHE H 22 -23.16 18.00 22.73
N SER H 23 -23.35 16.82 22.17
CA SER H 23 -22.67 16.36 20.97
C SER H 23 -23.72 15.88 19.99
N ASP H 24 -23.78 16.53 18.83
CA ASP H 24 -24.79 16.24 17.84
C ASP H 24 -24.20 15.46 16.66
N TYR H 25 -24.98 14.47 16.26
CA TYR H 25 -24.67 13.56 15.16
C TYR H 25 -25.82 13.58 14.13
N PRO H 26 -25.51 13.88 12.86
CA PRO H 26 -26.51 13.80 11.78
C PRO H 26 -27.15 12.43 11.67
N GLU H 32 -32.73 9.81 11.40
CA GLU H 32 -32.98 10.83 12.41
C GLU H 32 -31.68 11.46 12.92
N PHE H 33 -31.81 12.59 13.60
CA PHE H 33 -30.71 13.21 14.34
C PHE H 33 -30.49 12.54 15.70
N LEU H 34 -29.23 12.53 16.13
CA LEU H 34 -28.85 11.96 17.41
C LEU H 34 -28.09 12.96 18.27
N THR H 35 -28.47 13.03 19.54
CA THR H 35 -27.74 13.87 20.46
C THR H 35 -27.30 13.04 21.64
N ILE H 36 -26.00 13.13 21.96
CA ILE H 36 -25.48 12.57 23.18
C ILE H 36 -25.25 13.77 24.08
N VAL H 37 -25.71 13.69 25.33
CA VAL H 37 -25.49 14.77 26.27
C VAL H 37 -24.75 14.19 27.46
N THR H 38 -23.62 14.82 27.77
CA THR H 38 -22.80 14.38 28.87
C THR H 38 -22.96 15.34 30.05
N LEU H 39 -23.07 14.76 31.24
CA LEU H 39 -23.30 15.50 32.47
C LEU H 39 -22.22 15.21 33.52
N SER H 40 -21.45 16.22 33.90
CA SER H 40 -20.36 16.02 34.85
C SER H 40 -20.85 15.98 36.31
N THR H 41 -21.83 15.11 36.56
CA THR H 41 -22.37 14.95 37.90
C THR H 41 -21.66 13.80 38.60
N HIS H 42 -22.16 13.47 39.80
CA HIS H 42 -21.63 12.37 40.60
C HIS H 42 -22.75 11.39 41.03
N PRO H 43 -22.83 10.23 40.39
CA PRO H 43 -21.96 9.80 39.29
C PRO H 43 -22.34 10.48 37.98
N PRO H 44 -21.37 10.68 37.07
CA PRO H 44 -21.64 11.34 35.80
C PRO H 44 -22.62 10.54 34.95
N GLN H 45 -23.31 11.24 34.05
CA GLN H 45 -24.31 10.63 33.20
C GLN H 45 -24.04 10.87 31.71
N ILE H 46 -24.42 9.91 30.89
CA ILE H 46 -24.33 10.07 29.46
C ILE H 46 -25.67 9.67 28.85
N CYS H 47 -26.46 10.65 28.46
CA CYS H 47 -27.78 10.36 27.93
C CYS H 47 -27.86 10.59 26.43
N HIS H 48 -28.93 10.09 25.85
CA HIS H 48 -29.09 10.34 24.44
C HIS H 48 -30.54 10.68 24.14
N GLY H 49 -30.71 11.24 22.94
CA GLY H 49 -32.02 11.60 22.46
C GLY H 49 -31.98 11.59 20.95
N VAL H 50 -33.11 11.28 20.35
CA VAL H 50 -33.18 11.25 18.91
C VAL H 50 -34.29 12.21 18.48
N GLY H 51 -34.26 12.64 17.23
CA GLY H 51 -35.31 13.53 16.74
C GLY H 51 -35.29 13.75 15.25
N LYS H 52 -36.20 14.58 14.75
CA LYS H 52 -36.26 14.83 13.32
C LYS H 52 -35.41 16.06 12.96
N SER H 53 -34.86 16.72 13.98
CA SER H 53 -33.94 17.84 13.83
C SER H 53 -32.98 17.87 15.00
N SER H 54 -31.87 18.58 14.86
CA SER H 54 -30.87 18.70 15.92
C SER H 54 -31.47 19.25 17.21
N GLU H 55 -32.41 20.17 17.06
CA GLU H 55 -33.10 20.77 18.21
C GLU H 55 -33.99 19.76 18.93
N GLU H 56 -34.76 18.99 18.16
CA GLU H 56 -35.67 17.99 18.74
C GLU H 56 -34.88 16.89 19.46
N SER H 57 -33.74 16.50 18.89
CA SER H 57 -32.95 15.45 19.49
C SER H 57 -32.26 15.99 20.74
N GLN H 58 -31.79 17.25 20.68
CA GLN H 58 -31.17 17.86 21.86
C GLN H 58 -32.15 17.94 23.03
N ASN H 59 -33.39 18.33 22.76
CA ASN H 59 -34.37 18.38 23.83
C ASN H 59 -34.81 17.00 24.31
N ASP H 60 -34.86 16.02 23.41
CA ASP H 60 -35.15 14.65 23.85
C ASP H 60 -34.04 14.13 24.79
N ALA H 61 -32.79 14.48 24.47
CA ALA H 61 -31.65 14.11 25.28
C ALA H 61 -31.74 14.77 26.64
N ALA H 62 -31.93 16.09 26.62
CA ALA H 62 -32.08 16.87 27.85
C ALA H 62 -33.19 16.30 28.72
N SER H 63 -34.29 15.93 28.10
CA SER H 63 -35.41 15.34 28.81
C SER H 63 -35.01 14.03 29.49
N ASN H 64 -34.29 13.18 28.76
CA ASN H 64 -33.86 11.91 29.34
C ASN H 64 -32.87 12.12 30.50
N ALA H 65 -32.01 13.13 30.36
CA ALA H 65 -31.12 13.53 31.43
C ALA H 65 -31.93 13.97 32.67
N LEU H 66 -32.92 14.85 32.48
CA LEU H 66 -33.74 15.34 33.61
C LEU H 66 -34.49 14.19 34.33
N LYS H 67 -35.00 13.24 33.54
CA LYS H 67 -35.61 12.05 34.15
C LYS H 67 -34.60 11.30 35.03
N ILE H 68 -33.40 11.06 34.47
CA ILE H 68 -32.37 10.33 35.23
C ILE H 68 -32.00 11.05 36.54
N LEU H 69 -31.75 12.36 36.44
CA LEU H 69 -31.37 13.18 37.59
C LEU H 69 -32.41 13.13 38.68
N SER H 70 -33.69 13.14 38.27
CA SER H 70 -34.77 13.06 39.24
C SER H 70 -34.86 11.67 39.90
N LYS H 71 -34.46 10.63 39.19
CA LYS H 71 -34.53 9.29 39.78
C LYS H 71 -33.38 9.01 40.77
N LEU H 72 -32.35 9.87 40.81
CA LEU H 72 -31.24 9.70 41.74
C LEU H 72 -31.61 10.28 43.10
#